data_4K3F
#
_entry.id   4K3F
#
_cell.length_a   99.577
_cell.length_b   40.509
_cell.length_c   60.813
_cell.angle_alpha   90.000
_cell.angle_beta   90.000
_cell.angle_gamma   90.000
#
_symmetry.space_group_name_H-M   'P 21 21 2'
#
loop_
_entity.id
_entity.type
_entity.pdbx_description
1 polymer 'Probable TonB-dependent receptor'
2 non-polymer SELENOMETHIONINE
3 non-polymer 'CHLORIDE ION'
4 non-polymer 'SULFATE ION'
5 non-polymer GLYCEROL
6 water water
#
_entity_poly.entity_id   1
_entity_poly.type   'polypeptide(L)'
_entity_poly.pdbx_seq_one_letter_code
;GAESLTVAATPVPHAEILNVVKPLLAKEGVDLKIKEFTDYVQPNVQVSEKRLDANFFQHQPYLDEFNKAKGTDLVAVTGV
HIEPLGAYSSKYKKLDELPSGATVVIPNDATNGGRALLLLDKAGVIKLKDNKSITATPKDIVDNPKNIKIRELEAATLPR
VLTQVD(MSE)ALINTNYALEAKLNPTKDALAIEGSDSPYVNILVARPDNKDSDA(MSE)QKLAKALHSAEIKQFIQEKY
KGAVVPAF
;
_entity_poly.pdbx_strand_id   A
#
# COMPACT_ATOMS: atom_id res chain seq x y z
N GLY A 1 -4.57 11.16 34.10
CA GLY A 1 -5.52 10.77 33.02
C GLY A 1 -4.75 10.33 31.79
N ALA A 2 -5.47 9.81 30.82
CA ALA A 2 -4.88 9.27 29.59
C ALA A 2 -4.27 10.37 28.69
N GLU A 3 -3.26 10.00 27.90
CA GLU A 3 -2.69 10.81 26.84
C GLU A 3 -3.53 10.57 25.56
N SER A 4 -4.00 11.63 24.93
CA SER A 4 -4.71 11.55 23.65
C SER A 4 -3.74 11.26 22.50
N LEU A 5 -4.14 10.40 21.57
CA LEU A 5 -3.31 10.11 20.38
C LEU A 5 -4.23 9.89 19.21
N THR A 6 -4.23 10.81 18.26
CA THR A 6 -5.17 10.70 17.16
C THR A 6 -4.42 10.20 15.91
N VAL A 7 -5.00 9.20 15.21
CA VAL A 7 -4.33 8.50 14.11
C VAL A 7 -5.26 8.34 12.92
N ALA A 8 -4.86 8.88 11.78
CA ALA A 8 -5.60 8.66 10.52
C ALA A 8 -5.18 7.34 9.89
N ALA A 9 -6.14 6.58 9.36
CA ALA A 9 -5.83 5.27 8.79
C ALA A 9 -6.79 4.91 7.68
N THR A 10 -6.32 4.13 6.71
CA THR A 10 -7.21 3.53 5.71
C THR A 10 -7.96 2.37 6.43
N PRO A 11 -9.13 2.02 5.91
CA PRO A 11 -9.99 1.16 6.75
C PRO A 11 -9.48 -0.26 6.94
N VAL A 12 -8.87 -0.84 5.90
CA VAL A 12 -8.47 -2.25 5.96
C VAL A 12 -7.11 -2.40 5.28
N PRO A 13 -6.12 -2.94 5.98
CA PRO A 13 -6.11 -3.47 7.33
C PRO A 13 -5.90 -2.46 8.44
N HIS A 14 -5.53 -1.21 8.10
CA HIS A 14 -4.92 -0.33 9.07
C HIS A 14 -5.82 0.02 10.25
N ALA A 15 -7.04 0.43 9.98
CA ALA A 15 -7.94 0.83 11.06
C ALA A 15 -8.39 -0.40 11.88
N GLU A 16 -8.45 -1.57 11.23
CA GLU A 16 -8.77 -2.80 11.95
C GLU A 16 -7.63 -3.10 12.95
N ILE A 17 -6.40 -3.06 12.48
CA ILE A 17 -5.25 -3.26 13.35
C ILE A 17 -5.27 -2.31 14.54
N LEU A 18 -5.50 -1.02 14.25
CA LEU A 18 -5.59 -0.03 15.29
C LEU A 18 -6.71 -0.28 16.31
N ASN A 19 -7.87 -0.76 15.85
CA ASN A 19 -8.98 -1.08 16.77
C ASN A 19 -8.59 -2.20 17.78
N VAL A 20 -7.76 -3.13 17.31
CA VAL A 20 -7.32 -4.26 18.15
C VAL A 20 -6.24 -3.81 19.13
N VAL A 21 -5.42 -2.80 18.74
CA VAL A 21 -4.37 -2.32 19.67
C VAL A 21 -4.95 -1.36 20.69
N LYS A 22 -6.08 -0.75 20.36
CA LYS A 22 -6.58 0.35 21.20
C LYS A 22 -6.77 -0.01 22.66
N PRO A 23 -7.35 -1.18 22.98
CA PRO A 23 -7.45 -1.53 24.41
C PRO A 23 -6.12 -1.72 25.12
N LEU A 24 -5.13 -2.29 24.43
CA LEU A 24 -3.79 -2.44 24.99
C LEU A 24 -3.20 -1.09 25.39
N LEU A 25 -3.42 -0.10 24.53
CA LEU A 25 -2.92 1.24 24.81
C LEU A 25 -3.66 1.89 25.95
N ALA A 26 -4.96 1.66 26.03
CA ALA A 26 -5.76 2.21 27.14
C ALA A 26 -5.18 1.78 28.48
N LYS A 27 -4.67 0.55 28.53
CA LYS A 27 -4.10 0.01 29.76
C LYS A 27 -2.74 0.63 30.08
N GLU A 28 -2.10 1.30 29.10
CA GLU A 28 -0.85 2.03 29.32
C GLU A 28 -1.06 3.54 29.33
N GLY A 29 -2.28 3.99 29.53
CA GLY A 29 -2.57 5.40 29.74
C GLY A 29 -2.62 6.19 28.44
N VAL A 30 -2.94 5.52 27.33
CA VAL A 30 -3.03 6.20 26.05
C VAL A 30 -4.38 5.96 25.44
N ASP A 31 -5.03 7.06 25.06
CA ASP A 31 -6.38 7.00 24.48
C ASP A 31 -6.28 7.19 22.97
N LEU A 32 -6.20 6.07 22.28
CA LEU A 32 -6.04 6.06 20.82
C LEU A 32 -7.35 6.36 20.13
N LYS A 33 -7.37 7.42 19.31
CA LYS A 33 -8.56 7.88 18.58
C LYS A 33 -8.29 7.76 17.09
N ILE A 34 -9.04 6.88 16.45
CA ILE A 34 -8.75 6.46 15.08
C ILE A 34 -9.76 7.17 14.17
N LYS A 35 -9.23 7.75 13.09
CA LYS A 35 -10.05 8.44 12.10
CA LYS A 35 -10.04 8.45 12.08
C LYS A 35 -9.81 7.79 10.76
N GLU A 36 -10.87 7.25 10.15
CA GLU A 36 -10.71 6.55 8.90
C GLU A 36 -10.75 7.47 7.68
N PHE A 37 -9.88 7.22 6.71
CA PHE A 37 -9.86 7.95 5.46
C PHE A 37 -9.81 6.95 4.32
N THR A 38 -10.40 7.27 3.16
CA THR A 38 -10.38 6.30 2.09
C THR A 38 -9.26 6.52 1.06
N ASP A 39 -8.54 7.64 1.17
CA ASP A 39 -7.57 8.06 0.16
C ASP A 39 -6.13 8.12 0.68
N TYR A 40 -5.21 8.35 -0.24
CA TYR A 40 -3.81 8.33 0.05
C TYR A 40 -3.17 9.72 0.24
N VAL A 41 -4.00 10.75 0.31
CA VAL A 41 -3.49 12.13 0.43
C VAL A 41 -3.85 12.75 1.77
N GLN A 42 -5.16 12.76 2.06
CA GLN A 42 -5.63 13.46 3.26
C GLN A 42 -5.01 12.99 4.58
N PRO A 43 -4.71 11.68 4.74
CA PRO A 43 -4.06 11.30 6.02
C PRO A 43 -2.75 12.06 6.28
N ASN A 44 -1.98 12.36 5.23
CA ASN A 44 -0.75 13.07 5.38
C ASN A 44 -1.01 14.55 5.60
N VAL A 45 -1.91 15.10 4.81
CA VAL A 45 -2.29 16.51 4.93
C VAL A 45 -2.80 16.81 6.35
N GLN A 46 -3.60 15.91 6.93
CA GLN A 46 -4.17 16.12 8.27
C GLN A 46 -3.09 16.18 9.32
N VAL A 47 -2.06 15.35 9.16
CA VAL A 47 -0.96 15.36 10.13
C VAL A 47 -0.09 16.61 10.00
N SER A 48 0.24 16.91 8.76
CA SER A 48 1.09 18.07 8.45
C SER A 48 0.42 19.37 8.84
N GLU A 49 -0.91 19.42 8.71
CA GLU A 49 -1.71 20.58 9.13
C GLU A 49 -2.01 20.59 10.63
N LYS A 50 -1.40 19.67 11.39
CA LYS A 50 -1.50 19.63 12.84
CA LYS A 50 -1.54 19.55 12.85
C LYS A 50 -2.97 19.42 13.29
N ARG A 51 -3.70 18.62 12.53
CA ARG A 51 -5.07 18.31 12.86
C ARG A 51 -5.13 16.99 13.60
N LEU A 52 -4.23 16.06 13.22
CA LEU A 52 -4.18 14.73 13.84
C LEU A 52 -2.70 14.49 14.15
N ASP A 53 -2.42 13.62 15.11
CA ASP A 53 -1.07 13.41 15.58
C ASP A 53 -0.19 12.49 14.65
N ALA A 54 -0.80 11.55 14.00
CA ALA A 54 -0.10 10.51 13.25
C ALA A 54 -1.01 9.86 12.23
N ASN A 55 -0.44 9.06 11.35
CA ASN A 55 -1.21 8.26 10.43
C ASN A 55 -0.59 6.88 10.20
N PHE A 56 -1.39 6.02 9.62
CA PHE A 56 -1.01 4.62 9.37
C PHE A 56 -1.73 4.15 8.12
N PHE A 57 -1.01 4.21 7.00
CA PHE A 57 -1.60 3.93 5.67
C PHE A 57 -0.60 3.75 4.55
N GLN A 58 0.65 4.17 4.70
CA GLN A 58 1.57 4.28 3.53
C GLN A 58 2.86 3.53 3.80
N HIS A 59 3.64 3.32 2.75
CA HIS A 59 4.98 2.79 2.87
C HIS A 59 5.98 3.93 2.76
N GLN A 60 7.24 3.63 3.03
CA GLN A 60 8.28 4.68 3.08
C GLN A 60 8.54 5.31 1.75
N PRO A 61 8.61 4.51 0.65
CA PRO A 61 8.78 5.20 -0.61
C PRO A 61 7.71 6.26 -0.89
N TYR A 62 6.48 5.94 -0.58
CA TYR A 62 5.37 6.87 -0.79
C TYR A 62 5.54 8.13 0.07
N LEU A 63 5.92 7.94 1.32
CA LEU A 63 6.11 9.04 2.25
C LEU A 63 7.18 9.97 1.72
N ASP A 64 8.30 9.37 1.34
CA ASP A 64 9.44 10.20 0.91
C ASP A 64 9.07 11.08 -0.30
N GLU A 65 8.38 10.45 -1.28
CA GLU A 65 7.91 11.16 -2.45
C GLU A 65 6.85 12.19 -2.09
N PHE A 66 5.96 11.84 -1.13
CA PHE A 66 4.96 12.79 -0.68
C PHE A 66 5.61 14.03 -0.05
N ASN A 67 6.56 13.84 0.88
CA ASN A 67 7.26 14.98 1.44
C ASN A 67 7.98 15.82 0.41
N LYS A 68 8.60 15.15 -0.56
CA LYS A 68 9.25 15.87 -1.66
C LYS A 68 8.23 16.72 -2.43
N ALA A 69 7.13 16.10 -2.85
CA ALA A 69 6.13 16.80 -3.67
C ALA A 69 5.46 17.94 -2.93
N LYS A 70 5.14 17.72 -1.67
CA LYS A 70 4.40 18.71 -0.90
C LYS A 70 5.22 19.66 -0.05
N GLY A 71 6.51 19.42 0.05
CA GLY A 71 7.40 20.19 0.91
C GLY A 71 7.15 20.03 2.40
N THR A 72 6.76 18.83 2.80
CA THR A 72 6.46 18.52 4.20
C THR A 72 7.58 17.72 4.85
N ASP A 73 7.45 17.48 6.14
CA ASP A 73 8.54 16.82 6.85
C ASP A 73 8.01 15.79 7.82
N LEU A 74 7.04 15.01 7.37
CA LEU A 74 6.54 13.90 8.14
C LEU A 74 7.60 12.81 8.25
N VAL A 75 7.59 12.08 9.36
CA VAL A 75 8.66 11.13 9.65
C VAL A 75 8.07 9.77 10.03
N ALA A 76 8.76 8.73 9.60
CA ALA A 76 8.36 7.40 9.94
C ALA A 76 8.70 7.07 11.40
N VAL A 77 7.83 6.35 12.06
CA VAL A 77 8.00 5.95 13.47
C VAL A 77 8.41 4.47 13.57
N THR A 78 7.65 3.60 12.91
CA THR A 78 7.93 2.17 12.92
C THR A 78 7.22 1.47 11.81
N GLY A 79 7.74 0.31 11.43
CA GLY A 79 7.15 -0.52 10.42
C GLY A 79 6.23 -1.55 11.03
N VAL A 80 5.17 -1.87 10.35
CA VAL A 80 4.18 -2.76 10.88
C VAL A 80 3.96 -4.01 10.06
N HIS A 81 3.65 -3.85 8.76
CA HIS A 81 3.28 -4.96 7.92
C HIS A 81 3.57 -4.68 6.47
N ILE A 82 3.52 -5.74 5.69
CA ILE A 82 3.70 -5.63 4.23
C ILE A 82 2.42 -6.15 3.60
N GLU A 83 2.03 -5.56 2.48
CA GLU A 83 0.83 -5.98 1.71
C GLU A 83 1.28 -6.32 0.31
N PRO A 84 1.74 -7.56 0.09
CA PRO A 84 2.23 -7.88 -1.25
C PRO A 84 1.21 -7.55 -2.35
N LEU A 85 1.65 -6.77 -3.32
CA LEU A 85 0.75 -6.26 -4.36
C LEU A 85 0.48 -7.35 -5.39
N GLY A 86 -0.79 -7.52 -5.73
CA GLY A 86 -1.23 -8.46 -6.72
C GLY A 86 -1.75 -7.84 -8.01
N ALA A 87 -1.72 -8.67 -9.05
CA ALA A 87 -2.35 -8.40 -10.35
C ALA A 87 -3.63 -9.24 -10.46
N TYR A 88 -4.73 -8.59 -10.79
CA TYR A 88 -6.04 -9.19 -10.81
C TYR A 88 -6.66 -9.04 -12.18
N SER A 89 -7.53 -9.98 -12.53
CA SER A 89 -8.25 -9.89 -13.79
C SER A 89 -9.64 -10.49 -13.63
N SER A 90 -10.65 -9.81 -14.19
CA SER A 90 -11.98 -10.38 -14.21
C SER A 90 -12.19 -11.22 -15.47
N LYS A 91 -11.22 -11.20 -16.40
CA LYS A 91 -11.37 -11.77 -17.76
C LYS A 91 -10.40 -12.91 -18.08
N TYR A 92 -9.25 -12.98 -17.37
CA TYR A 92 -8.22 -13.99 -17.64
C TYR A 92 -7.78 -14.67 -16.36
N LYS A 93 -7.38 -15.94 -16.48
CA LYS A 93 -7.06 -16.80 -15.36
C LYS A 93 -5.55 -16.92 -15.09
N LYS A 94 -4.74 -16.70 -16.13
CA LYS A 94 -3.29 -16.73 -16.00
C LYS A 94 -2.67 -15.74 -16.98
N LEU A 95 -1.45 -15.28 -16.68
CA LEU A 95 -0.78 -14.25 -17.50
C LEU A 95 -0.63 -14.60 -18.97
N ASP A 96 -0.33 -15.86 -19.24
N ASP A 96 -0.32 -15.86 -19.26
CA ASP A 96 -0.16 -16.31 -20.61
CA ASP A 96 -0.13 -16.25 -20.65
C ASP A 96 -1.39 -16.06 -21.48
C ASP A 96 -1.40 -16.09 -21.49
N GLU A 97 -2.57 -15.97 -20.85
CA GLU A 97 -3.82 -15.71 -21.60
C GLU A 97 -3.99 -14.25 -22.06
N LEU A 98 -3.20 -13.33 -21.54
CA LEU A 98 -3.41 -11.90 -21.88
C LEU A 98 -3.23 -11.74 -23.39
N PRO A 99 -4.14 -11.03 -24.04
CA PRO A 99 -4.05 -10.86 -25.47
C PRO A 99 -3.00 -9.80 -25.85
N SER A 100 -2.63 -9.79 -27.12
N SER A 100 -2.61 -9.80 -27.12
CA SER A 100 -1.87 -8.70 -27.69
CA SER A 100 -1.86 -8.70 -27.68
C SER A 100 -2.67 -7.44 -27.51
C SER A 100 -2.67 -7.44 -27.48
N GLY A 101 -2.01 -6.35 -27.11
CA GLY A 101 -2.68 -5.09 -26.84
C GLY A 101 -3.54 -5.04 -25.56
N ALA A 102 -3.32 -5.99 -24.66
CA ALA A 102 -4.00 -6.01 -23.38
C ALA A 102 -3.84 -4.70 -22.62
N THR A 103 -4.97 -4.30 -22.01
CA THR A 103 -5.02 -3.16 -21.16
C THR A 103 -4.70 -3.59 -19.74
N VAL A 104 -3.66 -2.98 -19.19
CA VAL A 104 -3.21 -3.27 -17.82
C VAL A 104 -3.13 -1.95 -17.06
N VAL A 105 -3.97 -1.79 -16.05
CA VAL A 105 -4.01 -0.53 -15.31
C VAL A 105 -3.18 -0.66 -14.02
N ILE A 106 -2.46 0.41 -13.72
CA ILE A 106 -1.62 0.48 -12.52
C ILE A 106 -1.87 1.82 -11.84
N PRO A 107 -1.43 1.96 -10.60
CA PRO A 107 -1.59 3.27 -9.97
C PRO A 107 -0.79 4.39 -10.65
N ASN A 108 -1.32 5.59 -10.57
CA ASN A 108 -0.69 6.73 -11.28
C ASN A 108 0.21 7.59 -10.38
N ASP A 109 0.44 7.18 -9.14
CA ASP A 109 1.42 7.87 -8.29
C ASP A 109 2.82 7.23 -8.50
N ALA A 110 3.86 8.01 -8.27
CA ALA A 110 5.18 7.59 -8.70
C ALA A 110 5.63 6.24 -8.10
N THR A 111 5.46 6.06 -6.79
CA THR A 111 5.97 4.85 -6.15
C THR A 111 5.10 3.62 -6.35
N ASN A 112 3.80 3.75 -6.28
CA ASN A 112 2.95 2.58 -6.54
C ASN A 112 2.87 2.21 -8.03
N GLY A 113 3.00 3.21 -8.90
CA GLY A 113 3.13 2.95 -10.34
C GLY A 113 4.43 2.20 -10.62
N GLY A 114 5.55 2.67 -10.05
CA GLY A 114 6.84 2.03 -10.27
C GLY A 114 6.85 0.61 -9.75
N ARG A 115 6.30 0.44 -8.55
CA ARG A 115 6.13 -0.85 -7.93
C ARG A 115 5.36 -1.85 -8.82
N ALA A 116 4.26 -1.37 -9.40
CA ALA A 116 3.45 -2.17 -10.31
C ALA A 116 4.24 -2.58 -11.53
N LEU A 117 5.01 -1.62 -12.11
CA LEU A 117 5.83 -1.95 -13.29
C LEU A 117 6.89 -3.01 -12.92
N LEU A 118 7.45 -2.89 -11.73
N LEU A 118 7.46 -2.88 -11.73
CA LEU A 118 8.43 -3.89 -11.28
CA LEU A 118 8.44 -3.87 -11.27
C LEU A 118 7.84 -5.29 -11.12
C LEU A 118 7.85 -5.27 -11.09
N LEU A 119 6.59 -5.37 -10.66
CA LEU A 119 5.89 -6.67 -10.59
C LEU A 119 5.67 -7.19 -12.02
N LEU A 120 5.26 -6.33 -12.95
CA LEU A 120 5.10 -6.78 -14.35
C LEU A 120 6.44 -7.30 -14.89
N ASP A 121 7.53 -6.64 -14.52
CA ASP A 121 8.87 -7.08 -14.94
C ASP A 121 9.19 -8.45 -14.29
N LYS A 122 8.94 -8.57 -12.99
N LYS A 122 8.94 -8.55 -12.99
CA LYS A 122 9.23 -9.83 -12.29
CA LYS A 122 9.15 -9.79 -12.23
C LYS A 122 8.45 -10.98 -12.92
C LYS A 122 8.45 -10.96 -12.88
N ALA A 123 7.20 -10.71 -13.29
CA ALA A 123 6.30 -11.72 -13.83
C ALA A 123 6.50 -12.00 -15.33
N GLY A 124 7.40 -11.24 -15.97
CA GLY A 124 7.78 -11.48 -17.36
C GLY A 124 6.81 -10.95 -18.39
N VAL A 125 5.93 -10.04 -18.01
CA VAL A 125 4.99 -9.41 -18.93
C VAL A 125 5.68 -8.38 -19.80
N ILE A 126 6.54 -7.57 -19.18
N ILE A 126 6.47 -7.50 -19.17
CA ILE A 126 7.37 -6.60 -19.88
CA ILE A 126 7.32 -6.54 -19.88
C ILE A 126 8.75 -6.74 -19.31
C ILE A 126 8.70 -6.65 -19.26
N LYS A 127 9.69 -5.99 -19.87
CA LYS A 127 11.00 -5.87 -19.27
C LYS A 127 11.32 -4.36 -19.11
N LEU A 128 11.84 -4.01 -17.93
CA LEU A 128 12.32 -2.66 -17.66
C LEU A 128 13.84 -2.55 -17.86
N LYS A 129 14.31 -1.34 -18.17
CA LYS A 129 15.75 -1.09 -18.35
C LYS A 129 16.56 -1.56 -17.15
N ASP A 130 17.79 -1.98 -17.44
CA ASP A 130 18.65 -2.59 -16.44
C ASP A 130 18.96 -1.68 -15.24
N ASN A 131 19.04 -0.38 -15.48
CA ASN A 131 19.37 0.57 -14.41
C ASN A 131 18.10 1.14 -13.71
N LYS A 132 16.97 0.44 -13.82
CA LYS A 132 15.73 0.99 -13.30
C LYS A 132 15.75 1.15 -11.77
N SER A 133 14.97 2.11 -11.28
CA SER A 133 14.76 2.31 -9.86
C SER A 133 13.34 1.91 -9.52
N ILE A 134 12.96 2.00 -8.25
CA ILE A 134 11.59 1.69 -7.85
C ILE A 134 10.56 2.81 -8.20
N THR A 135 11.02 3.90 -8.81
CA THR A 135 10.10 4.86 -9.39
C THR A 135 10.17 4.82 -10.93
N ALA A 136 10.41 3.63 -11.48
CA ALA A 136 10.32 3.43 -12.91
C ALA A 136 8.99 3.91 -13.45
N THR A 137 9.01 4.35 -14.72
CA THR A 137 7.81 4.74 -15.44
C THR A 137 7.69 3.92 -16.73
N PRO A 138 6.53 3.99 -17.41
CA PRO A 138 6.40 3.27 -18.68
C PRO A 138 7.44 3.60 -19.74
N LYS A 139 8.04 4.79 -19.68
CA LYS A 139 9.16 5.16 -20.52
C LYS A 139 10.42 4.28 -20.34
N ASP A 140 10.52 3.61 -19.20
CA ASP A 140 11.62 2.72 -18.88
C ASP A 140 11.42 1.28 -19.37
N ILE A 141 10.31 1.01 -20.06
CA ILE A 141 10.08 -0.32 -20.64
C ILE A 141 10.97 -0.48 -21.87
N VAL A 142 11.75 -1.57 -21.86
CA VAL A 142 12.65 -1.92 -22.97
C VAL A 142 12.16 -3.10 -23.82
N ASP A 143 11.20 -3.86 -23.33
CA ASP A 143 10.62 -5.01 -24.05
C ASP A 143 9.12 -5.10 -23.75
N ASN A 144 8.31 -5.10 -24.80
CA ASN A 144 6.89 -5.25 -24.67
C ASN A 144 6.33 -6.00 -25.88
N PRO A 145 6.63 -7.32 -25.92
CA PRO A 145 6.30 -8.10 -27.11
C PRO A 145 4.79 -8.21 -27.37
N LYS A 146 3.97 -8.22 -26.31
CA LYS A 146 2.50 -8.28 -26.49
C LYS A 146 1.86 -6.92 -26.72
N ASN A 147 2.66 -5.85 -26.75
CA ASN A 147 2.13 -4.50 -26.92
C ASN A 147 1.03 -4.20 -25.89
N ILE A 148 1.33 -4.58 -24.65
N ILE A 148 1.28 -4.62 -24.65
CA ILE A 148 0.53 -4.22 -23.50
CA ILE A 148 0.36 -4.28 -23.58
C ILE A 148 0.37 -2.70 -23.47
C ILE A 148 0.34 -2.76 -23.44
N LYS A 149 -0.85 -2.26 -23.16
CA LYS A 149 -1.12 -0.85 -22.99
CA LYS A 149 -1.10 -0.85 -22.97
C LYS A 149 -1.16 -0.59 -21.48
N ILE A 150 -0.17 0.15 -20.99
CA ILE A 150 -0.11 0.45 -19.56
C ILE A 150 -0.97 1.65 -19.29
N ARG A 151 -2.03 1.46 -18.50
CA ARG A 151 -2.94 2.52 -18.13
CA ARG A 151 -2.88 2.56 -18.16
C ARG A 151 -2.65 2.91 -16.69
N GLU A 152 -2.79 4.20 -16.38
CA GLU A 152 -2.46 4.69 -15.05
CA GLU A 152 -2.48 4.68 -15.05
C GLU A 152 -3.64 5.51 -14.52
N LEU A 153 -4.17 5.09 -13.38
CA LEU A 153 -5.29 5.75 -12.72
C LEU A 153 -5.09 5.78 -11.21
N GLU A 154 -5.85 6.63 -10.54
CA GLU A 154 -5.64 6.80 -9.10
C GLU A 154 -5.89 5.46 -8.38
N ALA A 155 -5.03 5.15 -7.42
CA ALA A 155 -5.05 3.83 -6.74
C ALA A 155 -6.41 3.35 -6.24
N ALA A 156 -7.17 4.23 -5.60
CA ALA A 156 -8.43 3.84 -5.00
C ALA A 156 -9.50 3.48 -6.03
N THR A 157 -9.31 3.91 -7.27
CA THR A 157 -10.29 3.70 -8.32
C THR A 157 -10.13 2.37 -9.05
N LEU A 158 -9.01 1.68 -8.84
CA LEU A 158 -8.73 0.51 -9.61
C LEU A 158 -9.73 -0.66 -9.43
N PRO A 159 -10.24 -0.89 -8.22
CA PRO A 159 -11.22 -2.01 -8.12
C PRO A 159 -12.46 -1.78 -8.96
N ARG A 160 -12.85 -0.52 -9.09
CA ARG A 160 -14.04 -0.15 -9.86
C ARG A 160 -13.84 -0.29 -11.35
N VAL A 161 -12.59 -0.27 -11.82
CA VAL A 161 -12.36 -0.43 -13.26
C VAL A 161 -11.94 -1.83 -13.62
N LEU A 162 -11.82 -2.70 -12.64
CA LEU A 162 -11.32 -4.05 -12.88
C LEU A 162 -12.08 -4.78 -14.02
N THR A 163 -13.41 -4.67 -14.08
CA THR A 163 -14.19 -5.33 -15.14
C THR A 163 -14.13 -4.66 -16.51
N GLN A 164 -13.46 -3.51 -16.59
N GLN A 164 -13.44 -3.52 -16.59
CA GLN A 164 -13.34 -2.74 -17.82
CA GLN A 164 -13.31 -2.76 -17.81
C GLN A 164 -11.92 -2.78 -18.41
C GLN A 164 -11.97 -2.95 -18.52
N VAL A 165 -11.03 -3.61 -17.84
CA VAL A 165 -9.67 -3.78 -18.31
C VAL A 165 -9.30 -5.25 -18.36
N ASP A 166 -8.19 -5.59 -19.00
CA ASP A 166 -7.73 -6.95 -19.01
C ASP A 166 -7.06 -7.35 -17.70
N ALA A 168 -5.54 -5.49 -13.71
CA ALA A 168 -5.29 -4.37 -12.81
C ALA A 168 -4.36 -4.77 -11.68
N LEU A 169 -3.38 -3.92 -11.40
CA LEU A 169 -2.47 -4.14 -10.28
C LEU A 169 -2.94 -3.22 -9.17
N ILE A 170 -3.47 -3.82 -8.11
CA ILE A 170 -4.28 -3.10 -7.12
C ILE A 170 -3.65 -3.23 -5.76
N ASN A 171 -3.41 -2.09 -5.11
CA ASN A 171 -2.90 -2.07 -3.75
C ASN A 171 -3.79 -2.92 -2.87
N THR A 172 -3.16 -3.69 -2.00
CA THR A 172 -3.90 -4.71 -1.23
C THR A 172 -4.99 -4.11 -0.31
N ASN A 173 -4.71 -2.96 0.32
CA ASN A 173 -5.73 -2.33 1.15
C ASN A 173 -7.04 -2.11 0.41
N TYR A 174 -6.92 -1.66 -0.86
CA TYR A 174 -8.06 -1.48 -1.70
C TYR A 174 -8.62 -2.82 -2.23
N ALA A 175 -7.75 -3.75 -2.57
CA ALA A 175 -8.21 -5.07 -3.00
C ALA A 175 -9.06 -5.79 -1.93
N LEU A 176 -8.61 -5.76 -0.67
CA LEU A 176 -9.29 -6.40 0.43
C LEU A 176 -10.62 -5.70 0.66
N GLU A 177 -10.72 -4.37 0.54
CA GLU A 177 -12.06 -3.74 0.70
C GLU A 177 -13.02 -4.14 -0.41
N ALA A 178 -12.47 -4.43 -1.57
CA ALA A 178 -13.25 -4.89 -2.72
C ALA A 178 -13.57 -6.41 -2.69
N LYS A 179 -13.17 -7.10 -1.61
CA LYS A 179 -13.33 -8.56 -1.45
C LYS A 179 -12.52 -9.37 -2.44
N LEU A 180 -11.40 -8.84 -2.92
CA LEU A 180 -10.47 -9.65 -3.70
C LEU A 180 -9.59 -10.40 -2.72
N ASN A 181 -9.17 -11.59 -3.12
CA ASN A 181 -8.32 -12.43 -2.28
C ASN A 181 -6.98 -12.54 -2.98
N PRO A 182 -5.97 -11.81 -2.52
CA PRO A 182 -4.68 -11.79 -3.20
C PRO A 182 -4.04 -13.17 -3.34
N THR A 183 -4.13 -13.97 -2.30
CA THR A 183 -3.48 -15.28 -2.29
C THR A 183 -4.20 -16.28 -3.25
N LYS A 184 -5.49 -16.13 -3.49
CA LYS A 184 -6.20 -17.02 -4.41
C LYS A 184 -6.50 -16.45 -5.79
N ASP A 185 -6.75 -15.15 -5.89
CA ASP A 185 -7.23 -14.51 -7.11
C ASP A 185 -6.05 -13.96 -7.97
N ALA A 186 -4.89 -13.64 -7.36
CA ALA A 186 -3.86 -12.87 -8.09
C ALA A 186 -3.22 -13.71 -9.20
N LEU A 187 -3.02 -13.11 -10.37
CA LEU A 187 -2.26 -13.75 -11.46
C LEU A 187 -0.78 -13.68 -11.27
N ALA A 188 -0.33 -12.70 -10.50
CA ALA A 188 1.06 -12.51 -10.11
C ALA A 188 1.02 -11.72 -8.82
N ILE A 189 2.07 -11.87 -8.02
CA ILE A 189 2.11 -11.17 -6.76
C ILE A 189 3.54 -10.93 -6.31
N GLU A 190 3.76 -9.84 -5.61
CA GLU A 190 5.08 -9.57 -5.02
C GLU A 190 5.46 -10.63 -3.98
N GLY A 191 6.75 -10.77 -3.74
CA GLY A 191 7.23 -11.38 -2.48
C GLY A 191 7.01 -10.42 -1.30
N SER A 192 7.19 -10.89 -0.06
CA SER A 192 6.99 -9.99 1.08
C SER A 192 8.26 -9.30 1.55
N ASP A 193 9.43 -9.71 1.07
CA ASP A 193 10.68 -8.99 1.37
C ASP A 193 10.90 -7.88 0.37
N SER A 194 10.31 -6.74 0.66
CA SER A 194 10.14 -5.70 -0.35
C SER A 194 10.43 -4.34 0.24
N PRO A 195 10.44 -3.33 -0.62
CA PRO A 195 10.56 -1.94 -0.10
C PRO A 195 9.33 -1.39 0.62
N TYR A 196 8.25 -2.16 0.71
CA TYR A 196 6.93 -1.58 0.94
C TYR A 196 6.28 -1.87 2.30
N VAL A 197 7.09 -2.00 3.33
CA VAL A 197 6.53 -2.08 4.66
C VAL A 197 5.71 -0.83 4.95
N ASN A 198 4.50 -1.04 5.46
CA ASN A 198 3.63 0.07 5.89
C ASN A 198 4.05 0.57 7.26
N ILE A 199 4.13 1.89 7.39
CA ILE A 199 4.71 2.53 8.53
C ILE A 199 3.70 3.44 9.25
N LEU A 200 3.89 3.51 10.54
CA LEU A 200 3.26 4.54 11.36
C LEU A 200 4.07 5.82 11.11
N VAL A 201 3.40 6.95 10.88
CA VAL A 201 4.05 8.20 10.47
C VAL A 201 3.55 9.28 11.38
N ALA A 202 4.46 10.15 11.78
CA ALA A 202 4.10 11.27 12.65
C ALA A 202 4.97 12.45 12.31
N ARG A 203 5.23 13.32 13.28
CA ARG A 203 6.00 14.54 13.03
C ARG A 203 7.26 14.55 13.90
N PRO A 204 8.25 15.40 13.55
CA PRO A 204 9.36 15.54 14.50
C PRO A 204 8.96 15.83 15.93
N ASP A 205 7.89 16.58 16.15
CA ASP A 205 7.49 16.97 17.48
C ASP A 205 7.01 15.84 18.35
N ASN A 206 6.47 14.80 17.74
CA ASN A 206 5.83 13.70 18.49
C ASN A 206 6.30 12.29 18.23
N LYS A 207 7.22 12.12 17.30
CA LYS A 207 7.73 10.80 17.02
C LYS A 207 8.25 10.11 18.28
N ASP A 208 8.92 10.87 19.14
CA ASP A 208 9.57 10.36 20.32
C ASP A 208 8.82 10.71 21.59
N SER A 209 7.54 10.96 21.44
CA SER A 209 6.67 11.17 22.60
C SER A 209 6.35 9.83 23.27
N ASP A 210 6.03 9.89 24.56
CA ASP A 210 5.65 8.69 25.30
C ASP A 210 4.51 7.92 24.60
N ALA A 211 3.46 8.61 24.24
CA ALA A 211 2.30 7.95 23.65
C ALA A 211 2.63 7.33 22.31
N GLN A 213 5.50 6.26 21.33
CA GLN A 213 6.36 5.10 21.53
C GLN A 213 5.54 3.90 21.98
N LYS A 214 4.55 4.14 22.84
CA LYS A 214 3.69 3.03 23.33
C LYS A 214 2.93 2.47 22.14
N LEU A 215 2.38 3.33 21.26
CA LEU A 215 1.71 2.80 20.06
C LEU A 215 2.63 1.98 19.19
N ALA A 216 3.82 2.53 18.89
CA ALA A 216 4.82 1.82 18.10
C ALA A 216 5.13 0.41 18.69
N LYS A 217 5.33 0.33 20.01
CA LYS A 217 5.64 -0.92 20.67
C LYS A 217 4.46 -1.88 20.57
N ALA A 218 3.24 -1.39 20.78
CA ALA A 218 2.04 -2.24 20.68
C ALA A 218 1.88 -2.81 19.29
N LEU A 219 2.30 -2.04 18.28
CA LEU A 219 2.19 -2.48 16.88
C LEU A 219 3.22 -3.54 16.52
N HIS A 220 4.19 -3.79 17.42
CA HIS A 220 5.14 -4.93 17.26
C HIS A 220 4.82 -6.05 18.24
N SER A 221 3.63 -6.01 18.87
CA SER A 221 3.30 -6.97 19.91
C SER A 221 2.99 -8.34 19.29
N ALA A 222 3.20 -9.38 20.07
CA ALA A 222 2.81 -10.73 19.66
C ALA A 222 1.32 -10.83 19.37
N GLU A 223 0.53 -10.04 20.11
CA GLU A 223 -0.93 -10.06 19.95
C GLU A 223 -1.35 -9.49 18.60
N ILE A 224 -0.70 -8.40 18.17
CA ILE A 224 -1.03 -7.78 16.88
C ILE A 224 -0.55 -8.66 15.75
N LYS A 225 0.57 -9.35 15.98
CA LYS A 225 1.09 -10.26 14.96
C LYS A 225 0.09 -11.40 14.74
N GLN A 226 -0.42 -11.94 15.84
CA GLN A 226 -1.41 -13.00 15.76
C GLN A 226 -2.66 -12.52 15.03
N PHE A 227 -3.15 -11.33 15.40
CA PHE A 227 -4.35 -10.81 14.75
C PHE A 227 -4.11 -10.74 13.24
N ILE A 228 -2.97 -10.17 12.84
CA ILE A 228 -2.68 -9.97 11.41
C ILE A 228 -2.67 -11.33 10.69
N GLN A 229 -2.01 -12.28 11.29
CA GLN A 229 -1.92 -13.61 10.69
C GLN A 229 -3.28 -14.31 10.47
N GLU A 230 -4.07 -14.36 11.54
CA GLU A 230 -5.37 -15.06 11.49
C GLU A 230 -6.40 -14.29 10.65
N LYS A 231 -6.37 -12.95 10.72
CA LYS A 231 -7.40 -12.15 10.05
C LYS A 231 -7.20 -12.14 8.53
N TYR A 232 -5.97 -11.92 8.09
CA TYR A 232 -5.71 -11.68 6.67
C TYR A 232 -5.13 -12.89 5.94
N LYS A 233 -4.73 -13.92 6.69
CA LYS A 233 -4.39 -15.24 6.11
C LYS A 233 -3.34 -15.11 4.97
N GLY A 234 -2.30 -14.33 5.27
CA GLY A 234 -1.16 -14.21 4.37
C GLY A 234 -1.25 -13.01 3.41
N ALA A 235 -2.42 -12.38 3.30
CA ALA A 235 -2.53 -11.19 2.43
C ALA A 235 -1.81 -9.97 3.01
N VAL A 236 -1.67 -9.97 4.34
CA VAL A 236 -0.99 -8.93 5.10
C VAL A 236 0.02 -9.67 5.97
N VAL A 237 1.30 -9.31 5.79
CA VAL A 237 2.39 -10.01 6.43
C VAL A 237 3.01 -9.13 7.51
N PRO A 238 3.08 -9.60 8.76
CA PRO A 238 3.76 -8.83 9.76
C PRO A 238 5.24 -8.55 9.38
N ALA A 239 5.71 -7.36 9.72
CA ALA A 239 7.04 -6.90 9.34
C ALA A 239 7.93 -6.82 10.58
N PHE A 240 7.71 -7.75 11.49
CA PHE A 240 8.45 -7.77 12.75
C PHE A 240 8.39 -9.20 13.31
#